data_5H76
#
_entry.id   5H76
#
_cell.length_a   70.753
_cell.length_b   94.684
_cell.length_c   70.916
_cell.angle_alpha   90.00
_cell.angle_beta   117.29
_cell.angle_gamma   90.00
#
_symmetry.space_group_name_H-M   'P 1 21 1'
#
loop_
_entity.id
_entity.type
_entity.pdbx_description
1 polymer 'DARPin,Immunoglobulin G-binding protein A'
2 water water
#
_entity_poly.entity_id   1
_entity_poly.type   'polypeptide(L)'
_entity_poly.pdbx_seq_one_letter_code
;GSHMDLGRKLLEAARAGQDDEVRILMANGADVNAADNTGTTPLHLAAYSGHLEIVEVLLKHGADVDASDVFGYTPLHLAA
YWGHLEIVEVLLKNGADVNAMDSDGMTPLHLAAKWGYLEIVEVLLKHGAVNAQDKFGKTAFDISIDNGNEDLAQILAFYE
ILHLPNLNEEQRNAFIQSLKDDPSQSANLLAEAKKLNDAQA
;
_entity_poly.pdbx_strand_id   A,B,C
#
# COMPACT_ATOMS: atom_id res chain seq x y z
N ASP A 5 -6.47 -36.33 -0.03
CA ASP A 5 -6.86 -35.30 -0.98
C ASP A 5 -5.72 -34.98 -1.94
N LEU A 6 -5.78 -35.59 -3.13
CA LEU A 6 -4.66 -35.53 -4.06
C LEU A 6 -4.57 -34.20 -4.79
N GLY A 7 -5.70 -33.54 -5.04
CA GLY A 7 -5.66 -32.22 -5.66
C GLY A 7 -4.91 -31.21 -4.82
N ARG A 8 -5.22 -31.15 -3.52
CA ARG A 8 -4.55 -30.19 -2.65
C ARG A 8 -3.07 -30.50 -2.53
N LYS A 9 -2.72 -31.79 -2.43
CA LYS A 9 -1.32 -32.17 -2.38
C LYS A 9 -0.59 -31.77 -3.66
N LEU A 10 -1.26 -31.89 -4.80
CA LEU A 10 -0.65 -31.51 -6.06
C LEU A 10 -0.44 -30.00 -6.15
N LEU A 11 -1.39 -29.23 -5.62
CA LEU A 11 -1.20 -27.77 -5.60
C LEU A 11 -0.04 -27.40 -4.69
N GLU A 12 0.03 -27.98 -3.49
CA GLU A 12 1.11 -27.67 -2.56
C GLU A 12 2.46 -28.06 -3.13
N ALA A 13 2.56 -29.27 -3.70
CA ALA A 13 3.83 -29.70 -4.27
C ALA A 13 4.22 -28.86 -5.47
N ALA A 14 3.23 -28.43 -6.27
CA ALA A 14 3.53 -27.58 -7.41
C ALA A 14 4.05 -26.22 -6.96
N ARG A 15 3.51 -25.68 -5.88
CA ARG A 15 3.98 -24.39 -5.41
C ARG A 15 5.33 -24.49 -4.69
N ALA A 16 5.60 -25.64 -4.05
CA ALA A 16 6.84 -25.83 -3.32
C ALA A 16 7.98 -26.39 -4.18
N GLY A 17 7.71 -26.77 -5.42
CA GLY A 17 8.78 -27.27 -6.27
C GLY A 17 9.26 -28.66 -5.94
N GLN A 18 8.38 -29.51 -5.45
CA GLN A 18 8.71 -30.89 -5.09
C GLN A 18 8.42 -31.75 -6.32
N ASP A 19 9.45 -31.94 -7.15
CA ASP A 19 9.27 -32.60 -8.45
C ASP A 19 8.85 -34.06 -8.29
N ASP A 20 9.54 -34.79 -7.41
CA ASP A 20 9.24 -36.21 -7.28
C ASP A 20 7.89 -36.44 -6.60
N GLU A 21 7.48 -35.51 -5.74
CA GLU A 21 6.18 -35.61 -5.12
C GLU A 21 5.08 -35.31 -6.12
N VAL A 22 5.34 -34.40 -7.06
CA VAL A 22 4.42 -34.17 -8.17
C VAL A 22 4.30 -35.42 -9.04
N ARG A 23 5.44 -36.06 -9.33
CA ARG A 23 5.41 -37.29 -10.12
C ARG A 23 4.58 -38.37 -9.43
N ILE A 24 4.80 -38.55 -8.13
CA ILE A 24 4.07 -39.60 -7.41
C ILE A 24 2.59 -39.27 -7.35
N LEU A 25 2.25 -38.00 -7.09
CA LEU A 25 0.83 -37.61 -7.08
C LEU A 25 0.20 -37.86 -8.44
N MET A 26 0.94 -37.61 -9.52
CA MET A 26 0.42 -37.93 -10.85
C MET A 26 0.21 -39.43 -11.01
N ALA A 27 1.10 -40.23 -10.42
CA ALA A 27 0.97 -41.68 -10.51
C ALA A 27 -0.23 -42.21 -9.73
N ASN A 28 -0.83 -41.42 -8.84
CA ASN A 28 -2.02 -41.84 -8.12
C ASN A 28 -3.29 -41.23 -8.69
N GLY A 29 -3.21 -40.60 -9.86
CA GLY A 29 -4.40 -40.11 -10.53
C GLY A 29 -4.85 -38.74 -10.08
N ALA A 30 -3.93 -37.92 -9.54
CA ALA A 30 -4.29 -36.56 -9.19
C ALA A 30 -4.66 -35.77 -10.43
N ASP A 31 -5.67 -34.91 -10.28
CA ASP A 31 -6.14 -34.11 -11.41
C ASP A 31 -5.10 -33.05 -11.75
N VAL A 32 -4.56 -33.12 -12.97
CA VAL A 32 -3.56 -32.15 -13.42
C VAL A 32 -4.13 -30.75 -13.40
N ASN A 33 -5.43 -30.62 -13.65
CA ASN A 33 -6.09 -29.32 -13.74
C ASN A 33 -6.94 -29.03 -12.50
N ALA A 34 -6.55 -29.58 -11.36
CA ALA A 34 -7.24 -29.28 -10.12
C ALA A 34 -7.06 -27.81 -9.77
N ALA A 35 -8.17 -27.11 -9.55
CA ALA A 35 -8.14 -25.69 -9.25
C ALA A 35 -8.84 -25.43 -7.93
N ASP A 36 -8.28 -24.51 -7.15
CA ASP A 36 -8.96 -24.05 -5.95
C ASP A 36 -10.06 -23.06 -6.34
N ASN A 37 -10.78 -22.56 -5.34
CA ASN A 37 -11.89 -21.67 -5.62
C ASN A 37 -11.46 -20.37 -6.32
N THR A 38 -10.18 -20.00 -6.21
CA THR A 38 -9.68 -18.84 -6.94
C THR A 38 -9.39 -19.14 -8.41
N GLY A 39 -9.51 -20.41 -8.83
CA GLY A 39 -9.15 -20.82 -10.17
C GLY A 39 -7.69 -21.13 -10.36
N THR A 40 -6.90 -21.18 -9.29
CA THR A 40 -5.47 -21.44 -9.39
C THR A 40 -5.21 -22.94 -9.54
N THR A 41 -4.51 -23.31 -10.60
CA THR A 41 -4.16 -24.68 -10.92
C THR A 41 -2.71 -24.96 -10.58
N PRO A 42 -2.28 -26.22 -10.56
CA PRO A 42 -0.86 -26.50 -10.30
C PRO A 42 0.08 -25.83 -11.29
N LEU A 43 -0.34 -25.71 -12.55
CA LEU A 43 0.47 -25.01 -13.54
C LEU A 43 0.64 -23.54 -13.17
N HIS A 44 -0.41 -22.91 -12.65
CA HIS A 44 -0.30 -21.55 -12.12
C HIS A 44 0.79 -21.47 -11.07
N LEU A 45 0.75 -22.35 -10.08
CA LEU A 45 1.67 -22.26 -8.96
C LEU A 45 3.11 -22.56 -9.39
N ALA A 46 3.28 -23.50 -10.32
CA ALA A 46 4.63 -23.82 -10.78
C ALA A 46 5.19 -22.68 -11.63
N ALA A 47 4.37 -22.07 -12.48
CA ALA A 47 4.84 -20.94 -13.27
C ALA A 47 5.12 -19.72 -12.39
N TYR A 48 4.33 -19.54 -11.33
CA TYR A 48 4.55 -18.43 -10.40
C TYR A 48 5.83 -18.64 -9.60
N SER A 49 6.04 -19.85 -9.08
CA SER A 49 7.19 -20.12 -8.22
C SER A 49 8.48 -20.32 -9.00
N GLY A 50 8.40 -20.58 -10.30
CA GLY A 50 9.59 -20.74 -11.10
C GLY A 50 10.14 -22.15 -11.21
N HIS A 51 9.27 -23.15 -11.16
CA HIS A 51 9.72 -24.55 -11.18
C HIS A 51 9.51 -25.09 -12.59
N LEU A 52 10.55 -24.94 -13.41
CA LEU A 52 10.47 -25.28 -14.83
C LEU A 52 10.10 -26.73 -15.04
N GLU A 53 10.73 -27.64 -14.28
CA GLU A 53 10.55 -29.07 -14.53
C GLU A 53 9.11 -29.50 -14.23
N ILE A 54 8.51 -28.92 -13.19
CA ILE A 54 7.12 -29.22 -12.88
C ILE A 54 6.20 -28.65 -13.94
N VAL A 55 6.55 -27.51 -14.52
CA VAL A 55 5.80 -26.98 -15.66
C VAL A 55 5.83 -27.98 -16.82
N GLU A 56 7.00 -28.53 -17.11
CA GLU A 56 7.13 -29.48 -18.22
C GLU A 56 6.35 -30.77 -17.95
N VAL A 57 6.39 -31.27 -16.71
CA VAL A 57 5.66 -32.48 -16.38
C VAL A 57 4.16 -32.25 -16.45
N LEU A 58 3.69 -31.16 -15.83
CA LEU A 58 2.26 -30.84 -15.85
C LEU A 58 1.75 -30.70 -17.27
N LEU A 59 2.48 -29.96 -18.11
CA LEU A 59 2.08 -29.83 -19.51
C LEU A 59 2.12 -31.18 -20.22
N LYS A 60 3.08 -32.04 -19.86
CA LYS A 60 3.17 -33.34 -20.48
C LYS A 60 1.97 -34.22 -20.13
N HIS A 61 1.36 -34.00 -18.96
CA HIS A 61 0.23 -34.80 -18.53
C HIS A 61 -1.12 -34.15 -18.83
N GLY A 62 -1.14 -33.06 -19.59
CA GLY A 62 -2.39 -32.46 -20.02
C GLY A 62 -2.86 -31.25 -19.24
N ALA A 63 -1.95 -30.52 -18.59
CA ALA A 63 -2.34 -29.30 -17.90
C ALA A 63 -2.87 -28.28 -18.90
N ASP A 64 -3.97 -27.64 -18.54
CA ASP A 64 -4.57 -26.61 -19.40
C ASP A 64 -3.65 -25.40 -19.45
N VAL A 65 -3.03 -25.17 -20.61
CA VAL A 65 -2.03 -24.11 -20.72
C VAL A 65 -2.66 -22.72 -20.66
N ASP A 66 -3.97 -22.60 -20.90
CA ASP A 66 -4.65 -21.31 -20.90
C ASP A 66 -5.70 -21.22 -19.79
N ALA A 67 -5.49 -21.94 -18.69
CA ALA A 67 -6.37 -21.80 -17.54
C ALA A 67 -6.20 -20.42 -16.91
N SER A 68 -7.31 -19.76 -16.61
CA SER A 68 -7.28 -18.43 -16.03
C SER A 68 -7.95 -18.46 -14.66
N ASP A 69 -7.31 -17.84 -13.68
CA ASP A 69 -7.89 -17.74 -12.34
C ASP A 69 -8.95 -16.64 -12.32
N VAL A 70 -9.54 -16.43 -11.14
CA VAL A 70 -10.61 -15.46 -11.00
C VAL A 70 -10.16 -14.04 -11.31
N PHE A 71 -8.86 -13.78 -11.34
CA PHE A 71 -8.33 -12.49 -11.75
C PHE A 71 -8.06 -12.40 -13.25
N GLY A 72 -8.17 -13.50 -13.97
CA GLY A 72 -7.85 -13.55 -15.38
C GLY A 72 -6.40 -13.89 -15.69
N TYR A 73 -5.59 -14.19 -14.69
CA TYR A 73 -4.20 -14.56 -14.92
C TYR A 73 -4.11 -15.97 -15.49
N THR A 74 -3.37 -16.11 -16.58
CA THR A 74 -2.93 -17.41 -17.07
C THR A 74 -1.56 -17.72 -16.50
N PRO A 75 -1.09 -18.98 -16.62
CA PRO A 75 0.29 -19.27 -16.22
C PRO A 75 1.33 -18.42 -16.95
N LEU A 76 1.05 -18.02 -18.20
CA LEU A 76 1.97 -17.15 -18.91
C LEU A 76 2.03 -15.77 -18.27
N HIS A 77 0.89 -15.27 -17.81
CA HIS A 77 0.88 -14.03 -17.03
C HIS A 77 1.81 -14.12 -15.83
N LEU A 78 1.69 -15.21 -15.06
CA LEU A 78 2.49 -15.35 -13.86
C LEU A 78 3.97 -15.50 -14.18
N ALA A 79 4.29 -16.24 -15.24
CA ALA A 79 5.69 -16.40 -15.62
C ALA A 79 6.29 -15.07 -16.09
N ALA A 80 5.50 -14.24 -16.77
CA ALA A 80 6.00 -12.95 -17.22
C ALA A 80 6.16 -11.98 -16.05
N TYR A 81 5.18 -11.99 -15.14
CA TYR A 81 5.23 -11.09 -14.00
C TYR A 81 6.42 -11.36 -13.09
N TRP A 82 6.79 -12.64 -12.93
CA TRP A 82 7.83 -13.03 -11.99
C TRP A 82 9.15 -13.37 -12.67
N GLY A 83 9.31 -13.04 -13.95
CA GLY A 83 10.61 -13.09 -14.60
C GLY A 83 11.18 -14.46 -14.86
N HIS A 84 10.35 -15.40 -15.30
CA HIS A 84 10.79 -16.78 -15.58
C HIS A 84 10.87 -16.97 -17.09
N LEU A 85 12.03 -16.63 -17.66
CA LEU A 85 12.21 -16.65 -19.10
C LEU A 85 11.92 -18.03 -19.68
N GLU A 86 12.56 -19.06 -19.13
CA GLU A 86 12.43 -20.40 -19.70
C GLU A 86 11.01 -20.95 -19.55
N ILE A 87 10.32 -20.59 -18.46
CA ILE A 87 8.93 -21.03 -18.33
C ILE A 87 8.05 -20.31 -19.36
N VAL A 88 8.34 -19.04 -19.66
CA VAL A 88 7.65 -18.36 -20.74
C VAL A 88 7.86 -19.09 -22.06
N GLU A 89 9.11 -19.46 -22.35
CA GLU A 89 9.39 -20.19 -23.58
C GLU A 89 8.67 -21.53 -23.63
N VAL A 90 8.64 -22.26 -22.51
CA VAL A 90 8.01 -23.58 -22.47
C VAL A 90 6.50 -23.45 -22.64
N LEU A 91 5.89 -22.48 -21.95
CA LEU A 91 4.45 -22.29 -22.06
C LEU A 91 4.06 -21.87 -23.47
N LEU A 92 4.82 -20.96 -24.08
CA LEU A 92 4.53 -20.57 -25.46
C LEU A 92 4.71 -21.74 -26.41
N LYS A 93 5.74 -22.57 -26.17
CA LYS A 93 5.98 -23.74 -26.99
C LYS A 93 4.81 -24.71 -26.93
N ASN A 94 4.05 -24.70 -25.83
CA ASN A 94 2.92 -25.59 -25.65
C ASN A 94 1.58 -24.92 -25.96
N GLY A 95 1.59 -23.81 -26.71
CA GLY A 95 0.38 -23.24 -27.24
C GLY A 95 -0.33 -22.22 -26.38
N ALA A 96 0.35 -21.65 -25.39
CA ALA A 96 -0.26 -20.61 -24.57
C ALA A 96 -0.63 -19.41 -25.43
N ASP A 97 -1.82 -18.86 -25.19
CA ASP A 97 -2.27 -17.65 -25.87
C ASP A 97 -1.36 -16.49 -25.48
N VAL A 98 -0.54 -16.03 -26.42
CA VAL A 98 0.42 -14.96 -26.14
C VAL A 98 -0.26 -13.62 -25.88
N ASN A 99 -1.55 -13.51 -26.19
CA ASN A 99 -2.29 -12.27 -26.03
C ASN A 99 -3.36 -12.36 -24.94
N ALA A 100 -3.24 -13.34 -24.03
CA ALA A 100 -4.21 -13.49 -22.96
C ALA A 100 -4.24 -12.24 -22.09
N MET A 101 -5.45 -11.80 -21.73
CA MET A 101 -5.64 -10.58 -20.97
C MET A 101 -6.30 -10.90 -19.64
N ASP A 102 -5.89 -10.17 -18.60
CA ASP A 102 -6.40 -10.37 -17.25
C ASP A 102 -7.59 -9.44 -17.00
N SER A 103 -8.03 -9.37 -15.74
CA SER A 103 -9.11 -8.46 -15.35
C SER A 103 -8.88 -7.03 -15.82
N ASP A 104 -7.62 -6.61 -15.92
CA ASP A 104 -7.30 -5.22 -16.27
C ASP A 104 -6.89 -5.08 -17.73
N GLY A 105 -7.25 -6.03 -18.58
CA GLY A 105 -6.89 -5.96 -19.98
C GLY A 105 -5.41 -6.08 -20.28
N MET A 106 -4.62 -6.52 -19.30
CA MET A 106 -3.17 -6.57 -19.44
C MET A 106 -2.74 -7.92 -19.99
N THR A 107 -1.84 -7.89 -20.97
CA THR A 107 -1.24 -9.08 -21.56
C THR A 107 0.07 -9.40 -20.87
N PRO A 108 0.63 -10.60 -21.10
CA PRO A 108 1.96 -10.88 -20.54
C PRO A 108 3.01 -9.87 -20.97
N LEU A 109 2.85 -9.24 -22.13
CA LEU A 109 3.78 -8.19 -22.55
C LEU A 109 3.72 -7.00 -21.59
N HIS A 110 2.52 -6.64 -21.13
CA HIS A 110 2.38 -5.57 -20.16
C HIS A 110 3.14 -5.88 -18.88
N LEU A 111 2.94 -7.09 -18.35
CA LEU A 111 3.57 -7.45 -17.08
C LEU A 111 5.08 -7.59 -17.22
N ALA A 112 5.55 -8.08 -18.37
CA ALA A 112 6.99 -8.20 -18.58
C ALA A 112 7.63 -6.83 -18.73
N ALA A 113 6.93 -5.91 -19.40
CA ALA A 113 7.45 -4.55 -19.54
C ALA A 113 7.41 -3.80 -18.21
N LYS A 114 6.44 -4.13 -17.36
CA LYS A 114 6.31 -3.49 -16.06
C LYS A 114 7.58 -3.62 -15.24
N TRP A 115 8.22 -4.79 -15.30
CA TRP A 115 9.40 -5.08 -14.50
C TRP A 115 10.69 -4.99 -15.29
N GLY A 116 10.63 -4.57 -16.56
CA GLY A 116 11.83 -4.40 -17.35
C GLY A 116 12.49 -5.70 -17.77
N TYR A 117 11.72 -6.76 -17.98
CA TYR A 117 12.25 -8.06 -18.42
C TYR A 117 12.46 -8.02 -19.92
N LEU A 118 13.67 -7.63 -20.32
CA LEU A 118 13.97 -7.43 -21.73
C LEU A 118 13.87 -8.75 -22.51
N GLU A 119 14.42 -9.83 -21.97
CA GLU A 119 14.43 -11.10 -22.68
C GLU A 119 13.03 -11.67 -22.82
N ILE A 120 12.19 -11.53 -21.79
CA ILE A 120 10.83 -12.04 -21.88
C ILE A 120 10.03 -11.24 -22.89
N VAL A 121 10.25 -9.93 -22.96
CA VAL A 121 9.62 -9.11 -24.00
C VAL A 121 10.04 -9.59 -25.37
N GLU A 122 11.33 -9.88 -25.55
CA GLU A 122 11.81 -10.39 -26.83
C GLU A 122 11.11 -11.70 -27.21
N VAL A 123 11.07 -12.65 -26.26
CA VAL A 123 10.45 -13.94 -26.53
C VAL A 123 8.97 -13.77 -26.87
N LEU A 124 8.28 -12.88 -26.15
CA LEU A 124 6.86 -12.67 -26.44
C LEU A 124 6.65 -12.08 -27.83
N LEU A 125 7.49 -11.11 -28.21
CA LEU A 125 7.39 -10.54 -29.55
C LEU A 125 7.72 -11.57 -30.63
N LYS A 126 8.63 -12.50 -30.35
CA LYS A 126 8.92 -13.55 -31.32
C LYS A 126 7.69 -14.40 -31.63
N HIS A 127 6.85 -14.63 -30.61
CA HIS A 127 5.67 -15.46 -30.76
C HIS A 127 4.42 -14.67 -31.17
N GLY A 128 4.59 -13.45 -31.68
CA GLY A 128 3.47 -12.70 -32.21
C GLY A 128 2.66 -11.96 -31.18
N ALA A 129 3.29 -11.49 -30.10
CA ALA A 129 2.57 -10.68 -29.12
C ALA A 129 2.06 -9.41 -29.77
N VAL A 130 0.84 -9.03 -29.42
CA VAL A 130 0.18 -7.88 -30.02
C VAL A 130 0.32 -6.68 -29.10
N ASN A 131 0.30 -5.48 -29.70
CA ASN A 131 0.36 -4.23 -28.95
C ASN A 131 -1.06 -3.87 -28.54
N ALA A 132 -1.35 -3.99 -27.25
CA ALA A 132 -2.68 -3.80 -26.72
C ALA A 132 -2.65 -2.77 -25.61
N GLN A 133 -3.79 -2.09 -25.43
CA GLN A 133 -3.96 -1.14 -24.34
C GLN A 133 -4.66 -1.81 -23.17
N ASP A 134 -4.23 -1.46 -21.95
CA ASP A 134 -4.82 -1.98 -20.73
C ASP A 134 -6.04 -1.13 -20.36
N LYS A 135 -6.59 -1.36 -19.16
CA LYS A 135 -7.73 -0.57 -18.71
C LYS A 135 -7.41 0.92 -18.68
N PHE A 136 -6.16 1.27 -18.47
CA PHE A 136 -5.72 2.67 -18.44
C PHE A 136 -5.31 3.18 -19.81
N GLY A 137 -5.61 2.43 -20.87
CA GLY A 137 -5.27 2.87 -22.21
C GLY A 137 -3.78 2.99 -22.44
N LYS A 138 -2.98 2.12 -21.83
CA LYS A 138 -1.53 2.18 -21.90
C LYS A 138 -1.00 0.92 -22.57
N THR A 139 -0.01 1.10 -23.44
CA THR A 139 0.66 -0.01 -24.09
C THR A 139 1.94 -0.35 -23.34
N ALA A 140 2.60 -1.42 -23.77
CA ALA A 140 3.88 -1.80 -23.16
C ALA A 140 4.92 -0.70 -23.35
N PHE A 141 4.85 0.02 -24.47
CA PHE A 141 5.77 1.14 -24.69
C PHE A 141 5.52 2.26 -23.71
N ASP A 142 4.25 2.58 -23.46
CA ASP A 142 3.90 3.60 -22.47
C ASP A 142 4.45 3.23 -21.10
N ILE A 143 4.28 1.97 -20.70
CA ILE A 143 4.88 1.48 -19.46
C ILE A 143 6.39 1.67 -19.50
N SER A 144 7.01 1.42 -20.67
CA SER A 144 8.45 1.62 -20.80
C SER A 144 8.84 3.08 -20.58
N ILE A 145 7.96 4.02 -20.92
CA ILE A 145 8.29 5.43 -20.81
C ILE A 145 8.02 5.96 -19.39
N ASP A 146 6.97 5.46 -18.73
CA ASP A 146 6.70 5.86 -17.35
C ASP A 146 7.86 5.46 -16.44
N ASN A 147 8.41 4.27 -16.64
CA ASN A 147 9.66 3.91 -16.00
C ASN A 147 10.83 4.48 -16.80
N GLY A 148 11.98 4.56 -16.16
CA GLY A 148 13.16 5.11 -16.82
C GLY A 148 13.96 4.06 -17.58
N ASN A 149 13.26 3.19 -18.30
CA ASN A 149 13.88 2.03 -18.95
C ASN A 149 14.09 2.34 -20.43
N GLU A 150 15.30 2.81 -20.76
CA GLU A 150 15.60 3.19 -22.13
C GLU A 150 15.61 1.98 -23.07
N ASP A 151 16.25 0.89 -22.64
CA ASP A 151 16.36 -0.29 -23.50
C ASP A 151 15.00 -0.84 -23.90
N LEU A 152 14.07 -0.91 -22.95
CA LEU A 152 12.75 -1.46 -23.24
C LEU A 152 11.97 -0.57 -24.20
N ALA A 153 12.08 0.75 -24.01
CA ALA A 153 11.43 1.68 -24.94
C ALA A 153 12.06 1.58 -26.33
N GLN A 154 13.37 1.35 -26.39
CA GLN A 154 14.04 1.21 -27.68
C GLN A 154 13.55 -0.03 -28.42
N ILE A 155 13.42 -1.16 -27.71
CA ILE A 155 12.96 -2.38 -28.36
C ILE A 155 11.51 -2.23 -28.79
N LEU A 156 10.65 -1.75 -27.90
CA LEU A 156 9.23 -1.66 -28.23
C LEU A 156 8.97 -0.64 -29.33
N ALA A 157 9.73 0.46 -29.35
CA ALA A 157 9.62 1.41 -30.44
C ALA A 157 10.13 0.80 -31.74
N PHE A 158 11.19 -0.01 -31.65
CA PHE A 158 11.66 -0.76 -32.81
C PHE A 158 10.54 -1.60 -33.41
N TYR A 159 9.79 -2.32 -32.58
CA TYR A 159 8.73 -3.16 -33.11
C TYR A 159 7.56 -2.36 -33.63
N GLU A 160 7.21 -1.26 -32.96
CA GLU A 160 6.09 -0.45 -33.43
C GLU A 160 6.42 0.16 -34.80
N ILE A 161 7.61 0.77 -34.91
CA ILE A 161 8.04 1.31 -36.20
C ILE A 161 8.10 0.21 -37.25
N LEU A 162 8.53 -0.98 -36.83
CA LEU A 162 8.70 -2.08 -37.77
C LEU A 162 7.38 -2.50 -38.41
N HIS A 163 6.26 -2.31 -37.70
CA HIS A 163 4.97 -2.82 -38.16
C HIS A 163 4.07 -1.73 -38.72
N LEU A 164 4.62 -0.57 -39.07
CA LEU A 164 3.76 0.48 -39.63
C LEU A 164 3.56 0.23 -41.13
N PRO A 165 2.33 0.37 -41.63
CA PRO A 165 2.04 -0.08 -42.99
C PRO A 165 2.54 0.87 -44.07
N ASN A 166 2.49 2.18 -43.81
CA ASN A 166 2.65 3.18 -44.86
C ASN A 166 4.06 3.76 -44.95
N LEU A 167 4.97 3.36 -44.08
CA LEU A 167 6.36 3.79 -44.22
C LEU A 167 7.07 2.92 -45.26
N ASN A 168 7.94 3.55 -46.04
CA ASN A 168 8.74 2.79 -46.99
C ASN A 168 10.05 2.35 -46.33
N GLU A 169 10.78 1.47 -47.02
CA GLU A 169 11.97 0.86 -46.44
C GLU A 169 13.03 1.88 -46.03
N GLU A 170 13.19 2.95 -46.81
CA GLU A 170 14.21 3.93 -46.49
C GLU A 170 13.84 4.70 -45.22
N GLN A 171 12.55 5.02 -45.07
CA GLN A 171 12.08 5.70 -43.87
C GLN A 171 12.16 4.78 -42.65
N ARG A 172 11.75 3.53 -42.80
CA ARG A 172 11.78 2.59 -41.69
C ARG A 172 13.20 2.33 -41.22
N ASN A 173 14.13 2.12 -42.16
CA ASN A 173 15.52 1.92 -41.77
C ASN A 173 16.13 3.21 -41.24
N ALA A 174 15.62 4.36 -41.66
CA ALA A 174 16.10 5.62 -41.10
C ALA A 174 15.68 5.77 -39.65
N PHE A 175 14.45 5.37 -39.33
CA PHE A 175 13.99 5.41 -37.94
C PHE A 175 14.71 4.37 -37.08
N ILE A 176 14.99 3.18 -37.62
CA ILE A 176 15.71 2.17 -36.85
C ILE A 176 17.14 2.64 -36.58
N GLN A 177 17.81 3.13 -37.62
CA GLN A 177 19.15 3.71 -37.41
C GLN A 177 19.10 4.87 -36.44
N SER A 178 17.99 5.60 -36.42
CA SER A 178 17.79 6.65 -35.42
C SER A 178 17.44 6.08 -34.05
N LEU A 179 17.15 4.79 -33.97
CA LEU A 179 16.99 4.15 -32.67
C LEU A 179 18.29 3.54 -32.17
N LYS A 180 19.31 3.41 -33.04
CA LYS A 180 20.62 2.97 -32.57
C LYS A 180 21.63 4.09 -32.34
N ASP A 181 21.36 5.31 -32.81
CA ASP A 181 22.26 6.44 -32.56
C ASP A 181 22.04 7.02 -31.17
N ASP A 182 20.79 7.28 -30.81
CA ASP A 182 20.48 7.73 -29.46
C ASP A 182 19.16 7.12 -28.99
N PRO A 183 19.21 6.16 -28.05
CA PRO A 183 17.95 5.53 -27.60
C PRO A 183 17.12 6.41 -26.69
N SER A 184 17.72 7.43 -26.06
CA SER A 184 16.96 8.36 -25.23
C SER A 184 15.81 8.98 -26.01
N GLN A 185 15.95 9.08 -27.34
CA GLN A 185 14.96 9.72 -28.19
C GLN A 185 13.95 8.73 -28.74
N SER A 186 13.89 7.52 -28.15
CA SER A 186 13.02 6.48 -28.69
C SER A 186 11.56 6.91 -28.66
N ALA A 187 11.20 7.75 -27.69
CA ALA A 187 9.82 8.20 -27.57
C ALA A 187 9.49 9.25 -28.64
N ASN A 188 10.48 10.06 -29.02
CA ASN A 188 10.20 11.11 -29.99
C ASN A 188 10.18 10.54 -31.40
N LEU A 189 11.11 9.64 -31.71
CA LEU A 189 11.20 9.08 -33.05
C LEU A 189 9.93 8.31 -33.40
N LEU A 190 9.43 7.53 -32.44
CA LEU A 190 8.21 6.78 -32.69
C LEU A 190 7.08 7.73 -33.02
N ALA A 191 7.03 8.88 -32.33
CA ALA A 191 5.95 9.81 -32.61
C ALA A 191 6.14 10.42 -33.99
N GLU A 192 7.39 10.74 -34.33
CA GLU A 192 7.66 11.21 -35.68
C GLU A 192 7.26 10.15 -36.69
N ALA A 193 7.61 8.89 -36.41
CA ALA A 193 7.26 7.83 -37.35
C ALA A 193 5.75 7.75 -37.50
N LYS A 194 5.04 7.85 -36.38
CA LYS A 194 3.61 7.67 -36.44
C LYS A 194 2.97 8.80 -37.23
N LYS A 195 3.50 10.02 -37.06
CA LYS A 195 2.96 11.12 -37.83
C LYS A 195 3.17 10.87 -39.32
N LEU A 196 4.38 10.43 -39.68
CA LEU A 196 4.64 10.15 -41.08
C LEU A 196 3.76 9.01 -41.56
N ASN A 197 3.51 8.03 -40.69
CA ASN A 197 2.69 6.90 -41.10
C ASN A 197 1.30 7.38 -41.46
N ASP A 198 0.80 8.38 -40.73
CA ASP A 198 -0.56 8.84 -40.95
C ASP A 198 -0.62 9.94 -42.00
N ALA A 199 0.53 10.43 -42.47
CA ALA A 199 0.50 11.37 -43.58
C ALA A 199 0.55 10.67 -44.93
N GLN A 200 1.05 9.43 -44.96
CA GLN A 200 1.18 8.66 -46.18
C GLN A 200 0.11 7.59 -46.31
N ALA A 201 -0.94 7.65 -45.48
CA ALA A 201 -2.05 6.71 -45.55
C ALA A 201 -3.12 7.20 -46.52
N ASP B 5 26.01 11.91 10.72
CA ASP B 5 25.82 10.46 10.80
C ASP B 5 25.24 9.95 9.48
N LEU B 6 25.84 8.90 8.91
CA LEU B 6 25.44 8.44 7.60
C LEU B 6 24.14 7.65 7.63
N GLY B 7 23.87 6.95 8.73
CA GLY B 7 22.56 6.33 8.87
C GLY B 7 21.46 7.37 8.85
N ARG B 8 21.65 8.45 9.61
CA ARG B 8 20.67 9.53 9.62
C ARG B 8 20.63 10.26 8.29
N LYS B 9 21.79 10.44 7.64
CA LYS B 9 21.79 11.06 6.32
C LYS B 9 21.00 10.22 5.32
N LEU B 10 21.12 8.89 5.42
CA LEU B 10 20.36 8.01 4.53
C LEU B 10 18.87 8.06 4.86
N LEU B 11 18.53 8.17 6.15
CA LEU B 11 17.13 8.31 6.53
C LEU B 11 16.54 9.62 6.00
N GLU B 12 17.28 10.72 6.17
CA GLU B 12 16.82 12.03 5.69
C GLU B 12 16.68 12.04 4.18
N ALA B 13 17.69 11.51 3.47
CA ALA B 13 17.62 11.50 2.01
C ALA B 13 16.49 10.59 1.54
N ALA B 14 16.24 9.50 2.26
CA ALA B 14 15.17 8.58 1.87
C ALA B 14 13.80 9.22 2.05
N ARG B 15 13.59 9.97 3.14
CA ARG B 15 12.28 10.59 3.31
C ARG B 15 12.11 11.83 2.44
N ALA B 16 13.22 12.50 2.10
CA ALA B 16 13.17 13.73 1.31
C ALA B 16 13.16 13.46 -0.20
N GLY B 17 13.35 12.22 -0.62
CA GLY B 17 13.32 11.91 -2.04
C GLY B 17 14.53 12.34 -2.83
N GLN B 18 15.71 12.34 -2.20
CA GLN B 18 16.94 12.70 -2.89
C GLN B 18 17.56 11.42 -3.47
N ASP B 19 17.21 11.12 -4.72
CA ASP B 19 17.64 9.87 -5.33
C ASP B 19 19.15 9.82 -5.48
N ASP B 20 19.76 10.92 -5.93
CA ASP B 20 21.20 10.93 -6.17
C ASP B 20 21.99 10.94 -4.86
N GLU B 21 21.42 11.51 -3.80
CA GLU B 21 22.09 11.48 -2.51
C GLU B 21 22.06 10.08 -1.90
N VAL B 22 20.96 9.37 -2.10
CA VAL B 22 20.91 7.95 -1.73
C VAL B 22 21.91 7.16 -2.57
N ARG B 23 22.01 7.50 -3.87
CA ARG B 23 22.95 6.81 -4.74
C ARG B 23 24.38 6.95 -4.21
N ILE B 24 24.77 8.19 -3.87
CA ILE B 24 26.13 8.43 -3.41
C ILE B 24 26.37 7.78 -2.05
N LEU B 25 25.41 7.91 -1.13
CA LEU B 25 25.57 7.30 0.18
C LEU B 25 25.71 5.78 0.08
N MET B 26 24.93 5.15 -0.80
CA MET B 26 25.05 3.71 -1.00
C MET B 26 26.37 3.33 -1.65
N ALA B 27 26.84 4.12 -2.62
CA ALA B 27 28.07 3.77 -3.32
C ALA B 27 29.30 3.90 -2.44
N ASN B 28 29.21 4.64 -1.33
CA ASN B 28 30.33 4.78 -0.42
C ASN B 28 30.14 4.03 0.89
N GLY B 29 29.19 3.09 0.94
CA GLY B 29 29.09 2.18 2.07
C GLY B 29 28.20 2.59 3.22
N ALA B 30 27.20 3.43 3.00
CA ALA B 30 26.22 3.70 4.05
C ALA B 30 25.45 2.44 4.35
N ASP B 31 25.12 2.24 5.63
CA ASP B 31 24.40 1.03 6.03
C ASP B 31 22.97 1.06 5.50
N VAL B 32 22.64 0.08 4.67
CA VAL B 32 21.31 0.00 4.06
C VAL B 32 20.23 -0.15 5.13
N ASN B 33 20.52 -0.88 6.20
CA ASN B 33 19.52 -1.20 7.21
C ASN B 33 19.74 -0.42 8.51
N ALA B 34 20.33 0.78 8.41
CA ALA B 34 20.45 1.64 9.58
C ALA B 34 19.07 2.09 10.03
N ALA B 35 18.78 1.89 11.32
CA ALA B 35 17.49 2.22 11.89
C ALA B 35 17.67 3.18 13.05
N ASP B 36 16.75 4.13 13.20
CA ASP B 36 16.77 4.98 14.38
C ASP B 36 16.20 4.22 15.57
N ASN B 37 16.18 4.87 16.73
CA ASN B 37 15.75 4.20 17.96
C ASN B 37 14.31 3.72 17.90
N THR B 38 13.49 4.27 17.00
CA THR B 38 12.14 3.77 16.81
C THR B 38 12.10 2.52 15.94
N GLY B 39 13.24 2.10 15.39
CA GLY B 39 13.28 0.99 14.46
C GLY B 39 12.97 1.36 13.03
N THR B 40 12.86 2.65 12.72
CA THR B 40 12.53 3.09 11.37
C THR B 40 13.76 3.08 10.48
N THR B 41 13.68 2.39 9.36
CA THR B 41 14.77 2.23 8.41
C THR B 41 14.53 3.12 7.18
N PRO B 42 15.55 3.31 6.34
CA PRO B 42 15.33 4.10 5.12
C PRO B 42 14.24 3.55 4.22
N LEU B 43 14.09 2.22 4.17
CA LEU B 43 13.00 1.64 3.39
C LEU B 43 11.65 2.08 3.95
N HIS B 44 11.53 2.13 5.28
CA HIS B 44 10.32 2.65 5.91
C HIS B 44 10.02 4.06 5.40
N LEU B 45 11.00 4.95 5.46
CA LEU B 45 10.77 6.35 5.14
C LEU B 45 10.50 6.55 3.65
N ALA B 46 11.16 5.77 2.80
CA ALA B 46 10.92 5.88 1.36
C ALA B 46 9.55 5.35 0.99
N ALA B 47 9.12 4.25 1.63
CA ALA B 47 7.77 3.74 1.38
C ALA B 47 6.72 4.68 1.92
N TYR B 48 7.01 5.35 3.05
CA TYR B 48 6.07 6.32 3.60
C TYR B 48 5.94 7.54 2.71
N SER B 49 7.07 8.07 2.25
CA SER B 49 7.05 9.30 1.47
C SER B 49 6.60 9.09 0.03
N GLY B 50 6.64 7.86 -0.47
CA GLY B 50 6.20 7.56 -1.81
C GLY B 50 7.27 7.66 -2.89
N HIS B 51 8.51 7.36 -2.56
CA HIS B 51 9.63 7.49 -3.50
C HIS B 51 9.98 6.11 -4.04
N LEU B 52 9.34 5.75 -5.15
CA LEU B 52 9.45 4.41 -5.72
C LEU B 52 10.90 4.05 -6.05
N GLU B 53 11.62 4.98 -6.69
CA GLU B 53 12.97 4.68 -7.15
C GLU B 53 13.92 4.47 -5.97
N ILE B 54 13.75 5.24 -4.89
CA ILE B 54 14.59 5.02 -3.71
C ILE B 54 14.24 3.70 -3.05
N VAL B 55 12.97 3.29 -3.09
CA VAL B 55 12.60 1.96 -2.61
C VAL B 55 13.32 0.90 -3.42
N GLU B 56 13.34 1.05 -4.75
CA GLU B 56 13.97 0.06 -5.60
C GLU B 56 15.48 0.01 -5.37
N VAL B 57 16.12 1.16 -5.18
CA VAL B 57 17.56 1.19 -4.93
C VAL B 57 17.87 0.53 -3.60
N LEU B 58 17.15 0.91 -2.54
CA LEU B 58 17.37 0.32 -1.22
C LEU B 58 17.20 -1.19 -1.26
N LEU B 59 16.12 -1.67 -1.87
CA LEU B 59 15.90 -3.12 -1.96
C LEU B 59 17.00 -3.78 -2.79
N LYS B 60 17.47 -3.10 -3.83
CA LYS B 60 18.53 -3.65 -4.66
C LYS B 60 19.85 -3.74 -3.90
N HIS B 61 20.06 -2.89 -2.91
CA HIS B 61 21.28 -2.89 -2.13
C HIS B 61 21.16 -3.67 -0.82
N GLY B 62 20.07 -4.40 -0.63
CA GLY B 62 19.92 -5.28 0.52
C GLY B 62 19.09 -4.76 1.67
N ALA B 63 18.16 -3.85 1.43
CA ALA B 63 17.26 -3.40 2.49
C ALA B 63 16.37 -4.55 2.95
N ASP B 64 16.25 -4.69 4.26
CA ASP B 64 15.38 -5.72 4.84
C ASP B 64 13.93 -5.37 4.57
N VAL B 65 13.27 -6.14 3.70
CA VAL B 65 11.92 -5.81 3.27
C VAL B 65 10.89 -6.00 4.38
N ASP B 66 11.20 -6.78 5.42
CA ASP B 66 10.27 -7.02 6.52
C ASP B 66 10.78 -6.44 7.83
N ALA B 67 11.56 -5.36 7.77
CA ALA B 67 11.96 -4.67 8.98
C ALA B 67 10.75 -4.01 9.61
N SER B 68 10.60 -4.17 10.93
CA SER B 68 9.47 -3.62 11.65
C SER B 68 9.96 -2.64 12.70
N ASP B 69 9.30 -1.49 12.79
CA ASP B 69 9.64 -0.51 13.80
C ASP B 69 9.05 -0.91 15.15
N VAL B 70 9.27 -0.07 16.16
CA VAL B 70 8.79 -0.36 17.51
C VAL B 70 7.26 -0.44 17.57
N PHE B 71 6.57 0.05 16.54
CA PHE B 71 5.12 -0.08 16.44
C PHE B 71 4.69 -1.36 15.75
N GLY B 72 5.62 -2.10 15.15
CA GLY B 72 5.31 -3.26 14.36
C GLY B 72 5.04 -3.00 12.90
N TYR B 73 5.17 -1.74 12.45
CA TYR B 73 4.96 -1.42 11.05
C TYR B 73 6.10 -1.91 10.19
N THR B 74 5.78 -2.62 9.10
CA THR B 74 6.74 -2.89 8.05
C THR B 74 6.63 -1.82 6.97
N PRO B 75 7.58 -1.75 6.04
CA PRO B 75 7.42 -0.83 4.90
C PRO B 75 6.14 -1.06 4.11
N LEU B 76 5.65 -2.30 4.06
CA LEU B 76 4.40 -2.58 3.38
C LEU B 76 3.22 -1.93 4.10
N HIS B 77 3.22 -1.96 5.45
CA HIS B 77 2.21 -1.23 6.21
C HIS B 77 2.18 0.23 5.82
N LEU B 78 3.36 0.85 5.74
CA LEU B 78 3.43 2.28 5.44
C LEU B 78 2.97 2.57 4.02
N ALA B 79 3.35 1.71 3.06
CA ALA B 79 2.96 1.93 1.68
C ALA B 79 1.46 1.76 1.49
N ALA B 80 0.85 0.81 2.21
CA ALA B 80 -0.59 0.63 2.11
C ALA B 80 -1.34 1.76 2.81
N TYR B 81 -0.84 2.19 3.98
CA TYR B 81 -1.50 3.25 4.74
C TYR B 81 -1.52 4.56 3.96
N TRP B 82 -0.46 4.84 3.20
CA TRP B 82 -0.32 6.11 2.51
C TRP B 82 -0.60 6.01 1.01
N GLY B 83 -1.17 4.89 0.56
CA GLY B 83 -1.71 4.79 -0.79
C GLY B 83 -0.69 4.77 -1.92
N HIS B 84 0.41 4.07 -1.73
CA HIS B 84 1.47 4.00 -2.74
C HIS B 84 1.38 2.63 -3.40
N LEU B 85 0.54 2.56 -4.45
CA LEU B 85 0.26 1.29 -5.12
C LEU B 85 1.52 0.64 -5.65
N GLU B 86 2.32 1.39 -6.43
CA GLU B 86 3.48 0.80 -7.07
C GLU B 86 4.54 0.38 -6.06
N ILE B 87 4.65 1.11 -4.94
CA ILE B 87 5.59 0.70 -3.90
C ILE B 87 5.10 -0.57 -3.22
N VAL B 88 3.78 -0.72 -3.05
CA VAL B 88 3.23 -1.98 -2.56
C VAL B 88 3.62 -3.12 -3.50
N GLU B 89 3.42 -2.92 -4.80
CA GLU B 89 3.76 -3.96 -5.77
C GLU B 89 5.24 -4.30 -5.72
N VAL B 90 6.11 -3.30 -5.61
CA VAL B 90 7.55 -3.54 -5.59
C VAL B 90 7.96 -4.28 -4.33
N LEU B 91 7.40 -3.88 -3.18
CA LEU B 91 7.74 -4.53 -1.92
C LEU B 91 7.28 -5.99 -1.93
N LEU B 92 6.07 -6.25 -2.43
CA LEU B 92 5.62 -7.63 -2.51
C LEU B 92 6.45 -8.44 -3.49
N LYS B 93 6.87 -7.81 -4.60
CA LYS B 93 7.73 -8.48 -5.56
C LYS B 93 9.06 -8.90 -4.95
N ASN B 94 9.49 -8.21 -3.91
CA ASN B 94 10.76 -8.52 -3.23
C ASN B 94 10.56 -9.34 -1.96
N GLY B 95 9.40 -9.98 -1.80
CA GLY B 95 9.21 -10.94 -0.74
C GLY B 95 8.67 -10.41 0.56
N ALA B 96 8.08 -9.22 0.57
CA ALA B 96 7.48 -8.68 1.78
C ALA B 96 6.36 -9.60 2.26
N ASP B 97 6.33 -9.83 3.58
CA ASP B 97 5.27 -10.62 4.20
C ASP B 97 3.95 -9.87 4.05
N VAL B 98 3.04 -10.39 3.22
CA VAL B 98 1.78 -9.73 2.97
C VAL B 98 0.84 -9.77 4.18
N ASN B 99 1.14 -10.59 5.19
CA ASN B 99 0.28 -10.73 6.37
C ASN B 99 0.92 -10.17 7.64
N ALA B 100 1.93 -9.32 7.52
CA ALA B 100 2.59 -8.75 8.69
C ALA B 100 1.61 -7.93 9.52
N MET B 101 1.69 -8.09 10.84
CA MET B 101 0.76 -7.44 11.77
C MET B 101 1.51 -6.50 12.70
N ASP B 102 0.87 -5.37 13.02
CA ASP B 102 1.45 -4.35 13.87
C ASP B 102 1.07 -4.59 15.33
N SER B 103 1.39 -3.61 16.19
CA SER B 103 1.02 -3.69 17.61
C SER B 103 -0.46 -4.01 17.82
N ASP B 104 -1.34 -3.57 16.92
CA ASP B 104 -2.77 -3.77 17.06
C ASP B 104 -3.30 -4.92 16.20
N GLY B 105 -2.42 -5.83 15.78
CA GLY B 105 -2.85 -6.96 14.96
C GLY B 105 -3.29 -6.62 13.56
N MET B 106 -3.00 -5.41 13.06
CA MET B 106 -3.49 -4.98 11.77
C MET B 106 -2.51 -5.34 10.66
N THR B 107 -3.03 -5.87 9.57
CA THR B 107 -2.25 -6.22 8.38
C THR B 107 -2.30 -5.07 7.38
N PRO B 108 -1.44 -5.10 6.35
CA PRO B 108 -1.54 -4.09 5.29
C PRO B 108 -2.91 -4.04 4.64
N LEU B 109 -3.64 -5.16 4.62
CA LEU B 109 -5.01 -5.14 4.11
C LEU B 109 -5.91 -4.27 4.98
N HIS B 110 -5.72 -4.32 6.31
CA HIS B 110 -6.49 -3.47 7.21
C HIS B 110 -6.24 -1.99 6.92
N LEU B 111 -4.97 -1.61 6.78
CA LEU B 111 -4.64 -0.21 6.57
C LEU B 111 -5.10 0.26 5.21
N ALA B 112 -5.03 -0.59 4.20
CA ALA B 112 -5.50 -0.21 2.87
C ALA B 112 -7.02 -0.06 2.85
N ALA B 113 -7.72 -0.94 3.57
CA ALA B 113 -9.18 -0.82 3.66
C ALA B 113 -9.60 0.39 4.48
N LYS B 114 -8.78 0.77 5.47
CA LYS B 114 -9.10 1.93 6.29
C LYS B 114 -9.29 3.19 5.46
N TRP B 115 -8.46 3.36 4.44
CA TRP B 115 -8.49 4.55 3.60
C TRP B 115 -9.15 4.31 2.26
N GLY B 116 -9.72 3.13 2.03
CA GLY B 116 -10.43 2.86 0.80
C GLY B 116 -9.56 2.75 -0.44
N TYR B 117 -8.32 2.27 -0.29
CA TYR B 117 -7.44 2.08 -1.44
C TYR B 117 -7.81 0.75 -2.09
N LEU B 118 -8.75 0.83 -3.03
CA LEU B 118 -9.29 -0.37 -3.66
C LEU B 118 -8.22 -1.10 -4.47
N GLU B 119 -7.40 -0.35 -5.21
CA GLU B 119 -6.39 -1.00 -6.05
C GLU B 119 -5.33 -1.70 -5.22
N ILE B 120 -4.92 -1.09 -4.10
CA ILE B 120 -3.95 -1.72 -3.24
C ILE B 120 -4.55 -2.95 -2.57
N VAL B 121 -5.84 -2.89 -2.21
CA VAL B 121 -6.51 -4.07 -1.70
C VAL B 121 -6.47 -5.20 -2.73
N GLU B 122 -6.72 -4.86 -4.00
CA GLU B 122 -6.64 -5.87 -5.06
C GLU B 122 -5.26 -6.50 -5.13
N VAL B 123 -4.22 -5.67 -5.14
CA VAL B 123 -2.85 -6.21 -5.20
C VAL B 123 -2.57 -7.10 -4.00
N LEU B 124 -3.04 -6.70 -2.81
CA LEU B 124 -2.80 -7.51 -1.62
C LEU B 124 -3.50 -8.86 -1.72
N LEU B 125 -4.75 -8.87 -2.21
CA LEU B 125 -5.45 -10.14 -2.36
C LEU B 125 -4.80 -11.03 -3.42
N LYS B 126 -4.25 -10.44 -4.48
CA LYS B 126 -3.55 -11.25 -5.48
C LYS B 126 -2.36 -11.99 -4.88
N HIS B 127 -1.68 -11.37 -3.91
CA HIS B 127 -0.51 -11.97 -3.30
C HIS B 127 -0.84 -12.83 -2.08
N GLY B 128 -2.11 -13.21 -1.92
CA GLY B 128 -2.48 -14.15 -0.89
C GLY B 128 -2.65 -13.60 0.51
N ALA B 129 -3.05 -12.33 0.63
CA ALA B 129 -3.34 -11.79 1.96
C ALA B 129 -4.49 -12.53 2.61
N VAL B 130 -4.36 -12.80 3.91
CA VAL B 130 -5.35 -13.58 4.62
C VAL B 130 -6.29 -12.63 5.34
N ASN B 131 -7.50 -13.12 5.60
CA ASN B 131 -8.51 -12.36 6.34
C ASN B 131 -8.27 -12.58 7.83
N ALA B 132 -7.79 -11.54 8.50
CA ALA B 132 -7.42 -11.64 9.90
C ALA B 132 -8.14 -10.54 10.68
N GLN B 133 -8.38 -10.80 11.96
CA GLN B 133 -8.96 -9.81 12.85
C GLN B 133 -7.87 -9.08 13.62
N ASP B 134 -8.06 -7.80 13.84
CA ASP B 134 -7.11 -6.97 14.58
C ASP B 134 -7.36 -7.11 16.07
N LYS B 135 -6.69 -6.28 16.88
CA LYS B 135 -6.88 -6.31 18.32
C LYS B 135 -8.33 -6.07 18.70
N PHE B 136 -9.07 -5.34 17.88
CA PHE B 136 -10.49 -5.08 18.12
C PHE B 136 -11.40 -6.10 17.45
N GLY B 137 -10.86 -7.23 17.00
CA GLY B 137 -11.66 -8.28 16.39
C GLY B 137 -12.36 -7.90 15.11
N LYS B 138 -11.74 -7.03 14.30
CA LYS B 138 -12.36 -6.55 13.07
C LYS B 138 -11.52 -6.96 11.86
N THR B 139 -12.19 -7.35 10.78
CA THR B 139 -11.54 -7.68 9.53
C THR B 139 -11.56 -6.47 8.60
N ALA B 140 -10.91 -6.62 7.44
CA ALA B 140 -10.93 -5.56 6.46
C ALA B 140 -12.34 -5.30 5.94
N PHE B 141 -13.16 -6.36 5.88
CA PHE B 141 -14.55 -6.18 5.46
C PHE B 141 -15.33 -5.38 6.50
N ASP B 142 -15.12 -5.68 7.78
CA ASP B 142 -15.76 -4.90 8.84
C ASP B 142 -15.40 -3.42 8.72
N ILE B 143 -14.11 -3.12 8.52
CA ILE B 143 -13.68 -1.74 8.29
C ILE B 143 -14.40 -1.16 7.09
N SER B 144 -14.55 -1.94 6.02
CA SER B 144 -15.28 -1.47 4.84
C SER B 144 -16.73 -1.16 5.16
N ILE B 145 -17.32 -1.84 6.15
CA ILE B 145 -18.73 -1.63 6.47
C ILE B 145 -18.92 -0.45 7.43
N ASP B 146 -17.99 -0.23 8.37
CA ASP B 146 -18.09 0.93 9.23
C ASP B 146 -18.04 2.22 8.43
N ASN B 147 -17.19 2.27 7.41
CA ASN B 147 -17.24 3.31 6.41
C ASN B 147 -18.34 2.97 5.40
N GLY B 148 -18.78 3.99 4.66
CA GLY B 148 -19.81 3.75 3.69
C GLY B 148 -19.25 3.35 2.34
N ASN B 149 -18.26 2.46 2.33
CA ASN B 149 -17.51 2.14 1.13
C ASN B 149 -18.08 0.85 0.53
N GLU B 150 -19.03 1.03 -0.39
CA GLU B 150 -19.72 -0.11 -1.00
C GLU B 150 -18.77 -0.93 -1.87
N ASP B 151 -17.97 -0.24 -2.70
CA ASP B 151 -17.10 -0.95 -3.64
C ASP B 151 -16.14 -1.88 -2.91
N LEU B 152 -15.52 -1.39 -1.84
CA LEU B 152 -14.55 -2.19 -1.11
C LEU B 152 -15.23 -3.35 -0.40
N ALA B 153 -16.42 -3.12 0.16
CA ALA B 153 -17.16 -4.20 0.78
C ALA B 153 -17.56 -5.24 -0.26
N GLN B 154 -17.86 -4.80 -1.47
CA GLN B 154 -18.20 -5.73 -2.55
C GLN B 154 -17.01 -6.59 -2.93
N ILE B 155 -15.83 -5.99 -3.04
CA ILE B 155 -14.64 -6.75 -3.42
C ILE B 155 -14.27 -7.73 -2.30
N LEU B 156 -14.24 -7.25 -1.06
CA LEU B 156 -13.85 -8.11 0.05
C LEU B 156 -14.87 -9.21 0.31
N ALA B 157 -16.16 -8.92 0.12
CA ALA B 157 -17.17 -9.96 0.24
C ALA B 157 -17.06 -10.96 -0.90
N PHE B 158 -16.72 -10.47 -2.09
CA PHE B 158 -16.43 -11.38 -3.21
C PHE B 158 -15.34 -12.36 -2.82
N TYR B 159 -14.24 -11.87 -2.23
CA TYR B 159 -13.15 -12.76 -1.90
C TYR B 159 -13.50 -13.68 -0.74
N GLU B 160 -14.25 -13.18 0.25
CA GLU B 160 -14.64 -14.03 1.37
C GLU B 160 -15.57 -15.16 0.91
N ILE B 161 -16.61 -14.81 0.14
CA ILE B 161 -17.52 -15.83 -0.41
C ILE B 161 -16.74 -16.82 -1.26
N LEU B 162 -15.72 -16.32 -1.97
CA LEU B 162 -14.95 -17.18 -2.85
C LEU B 162 -14.19 -18.26 -2.09
N HIS B 163 -13.83 -18.03 -0.84
CA HIS B 163 -13.01 -18.96 -0.08
C HIS B 163 -13.81 -19.78 0.93
N LEU B 164 -15.12 -19.87 0.78
CA LEU B 164 -15.90 -20.67 1.72
C LEU B 164 -15.89 -22.13 1.26
N PRO B 165 -15.51 -23.06 2.15
CA PRO B 165 -15.21 -24.42 1.67
C PRO B 165 -16.44 -25.22 1.27
N ASN B 166 -17.57 -25.04 1.93
CA ASN B 166 -18.70 -25.94 1.81
C ASN B 166 -19.77 -25.46 0.84
N LEU B 167 -19.59 -24.29 0.22
CA LEU B 167 -20.52 -23.84 -0.81
C LEU B 167 -20.22 -24.55 -2.13
N ASN B 168 -21.27 -24.88 -2.88
CA ASN B 168 -21.08 -25.46 -4.19
C ASN B 168 -20.99 -24.36 -5.24
N GLU B 169 -20.58 -24.77 -6.46
CA GLU B 169 -20.30 -23.81 -7.52
C GLU B 169 -21.53 -22.97 -7.88
N GLU B 170 -22.72 -23.57 -7.83
CA GLU B 170 -23.93 -22.86 -8.19
C GLU B 170 -24.28 -21.80 -7.15
N GLN B 171 -24.10 -22.15 -5.87
CA GLN B 171 -24.35 -21.19 -4.79
C GLN B 171 -23.33 -20.06 -4.82
N ARG B 172 -22.06 -20.40 -5.04
CA ARG B 172 -21.01 -19.39 -5.08
C ARG B 172 -21.23 -18.41 -6.23
N ASN B 173 -21.57 -18.92 -7.41
CA ASN B 173 -21.81 -18.03 -8.54
C ASN B 173 -23.10 -17.24 -8.35
N ALA B 174 -24.06 -17.79 -7.60
CA ALA B 174 -25.28 -17.04 -7.32
C ALA B 174 -25.00 -15.88 -6.37
N PHE B 175 -24.17 -16.11 -5.36
CA PHE B 175 -23.80 -15.02 -4.45
C PHE B 175 -22.97 -13.96 -5.16
N ILE B 176 -22.07 -14.38 -6.06
CA ILE B 176 -21.27 -13.40 -6.80
C ILE B 176 -22.16 -12.56 -7.70
N GLN B 177 -23.07 -13.21 -8.43
CA GLN B 177 -24.02 -12.46 -9.25
C GLN B 177 -24.89 -11.54 -8.40
N SER B 178 -25.19 -11.94 -7.17
CA SER B 178 -25.91 -11.06 -6.26
C SER B 178 -25.02 -9.98 -5.67
N LEU B 179 -23.71 -10.08 -5.84
CA LEU B 179 -22.81 -8.98 -5.50
C LEU B 179 -22.58 -8.06 -6.68
N LYS B 180 -22.96 -8.47 -7.89
CA LYS B 180 -22.94 -7.57 -9.03
C LYS B 180 -24.31 -6.99 -9.33
N ASP B 181 -25.37 -7.51 -8.72
CA ASP B 181 -26.69 -6.93 -8.93
C ASP B 181 -26.93 -5.71 -8.03
N ASP B 182 -26.69 -5.84 -6.73
CA ASP B 182 -26.79 -4.67 -5.86
C ASP B 182 -25.73 -4.75 -4.76
N PRO B 183 -24.69 -3.90 -4.82
CA PRO B 183 -23.61 -4.00 -3.82
C PRO B 183 -23.98 -3.50 -2.45
N SER B 184 -25.04 -2.68 -2.32
CA SER B 184 -25.48 -2.21 -1.01
C SER B 184 -25.74 -3.37 -0.05
N GLN B 185 -26.10 -4.54 -0.58
CA GLN B 185 -26.44 -5.70 0.22
C GLN B 185 -25.24 -6.62 0.46
N SER B 186 -24.03 -6.13 0.21
CA SER B 186 -22.85 -6.98 0.31
C SER B 186 -22.69 -7.55 1.71
N ALA B 187 -23.17 -6.82 2.73
CA ALA B 187 -23.04 -7.28 4.10
C ALA B 187 -24.02 -8.41 4.39
N ASN B 188 -25.21 -8.39 3.79
CA ASN B 188 -26.18 -9.43 4.08
C ASN B 188 -25.90 -10.70 3.30
N LEU B 189 -25.50 -10.56 2.03
CA LEU B 189 -25.23 -11.74 1.21
C LEU B 189 -24.11 -12.56 1.80
N LEU B 190 -23.04 -11.89 2.25
CA LEU B 190 -21.94 -12.63 2.87
C LEU B 190 -22.44 -13.39 4.08
N ALA B 191 -23.34 -12.77 4.85
CA ALA B 191 -23.85 -13.46 6.02
C ALA B 191 -24.72 -14.62 5.60
N GLU B 192 -25.54 -14.40 4.56
CA GLU B 192 -26.33 -15.51 4.02
C GLU B 192 -25.41 -16.61 3.54
N ALA B 193 -24.27 -16.25 2.95
CA ALA B 193 -23.32 -17.27 2.51
C ALA B 193 -22.75 -18.00 3.71
N LYS B 194 -22.40 -17.26 4.77
CA LYS B 194 -21.63 -17.86 5.86
C LYS B 194 -22.47 -18.87 6.63
N LYS B 195 -23.74 -18.55 6.88
CA LYS B 195 -24.61 -19.54 7.52
C LYS B 195 -24.77 -20.74 6.60
N LEU B 196 -24.95 -20.49 5.31
CA LEU B 196 -25.06 -21.60 4.36
C LEU B 196 -23.77 -22.40 4.35
N ASN B 197 -22.63 -21.74 4.56
CA ASN B 197 -21.37 -22.46 4.61
C ASN B 197 -21.34 -23.40 5.81
N ASP B 198 -21.89 -22.96 6.93
CA ASP B 198 -21.78 -23.73 8.16
C ASP B 198 -22.93 -24.72 8.32
N ALA B 199 -23.94 -24.67 7.46
CA ALA B 199 -24.98 -25.68 7.42
C ALA B 199 -24.61 -26.86 6.53
N GLN B 200 -23.67 -26.68 5.62
CA GLN B 200 -23.24 -27.72 4.70
C GLN B 200 -21.89 -28.33 5.08
N ALA B 201 -21.40 -28.07 6.28
CA ALA B 201 -20.13 -28.63 6.72
C ALA B 201 -20.31 -29.99 7.36
N ASP C 5 -25.31 34.77 4.29
CA ASP C 5 -24.35 34.54 3.22
C ASP C 5 -23.85 33.10 3.27
N LEU C 6 -23.10 32.69 2.24
CA LEU C 6 -22.74 31.28 2.12
C LEU C 6 -21.65 30.86 3.10
N GLY C 7 -20.78 31.79 3.49
CA GLY C 7 -19.79 31.46 4.52
C GLY C 7 -20.44 31.10 5.85
N ARG C 8 -21.40 31.92 6.30
CA ARG C 8 -22.07 31.63 7.56
C ARG C 8 -22.93 30.37 7.46
N LYS C 9 -23.60 30.18 6.33
CA LYS C 9 -24.38 28.96 6.14
C LYS C 9 -23.50 27.72 6.15
N LEU C 10 -22.30 27.83 5.56
CA LEU C 10 -21.37 26.71 5.57
C LEU C 10 -20.84 26.44 6.97
N LEU C 11 -20.63 27.51 7.76
CA LEU C 11 -20.23 27.31 9.16
C LEU C 11 -21.34 26.61 9.95
N GLU C 12 -22.58 27.06 9.76
CA GLU C 12 -23.70 26.44 10.47
C GLU C 12 -23.85 24.97 10.08
N ALA C 13 -23.79 24.67 8.79
CA ALA C 13 -23.94 23.29 8.33
C ALA C 13 -22.77 22.43 8.80
N ALA C 14 -21.57 22.99 8.84
CA ALA C 14 -20.42 22.22 9.31
C ALA C 14 -20.54 21.91 10.80
N ARG C 15 -21.08 22.86 11.58
CA ARG C 15 -21.23 22.65 13.01
C ARG C 15 -22.40 21.73 13.34
N ALA C 16 -23.45 21.75 12.52
CA ALA C 16 -24.64 20.96 12.77
C ALA C 16 -24.59 19.57 12.15
N GLY C 17 -23.58 19.27 11.35
CA GLY C 17 -23.46 17.94 10.76
C GLY C 17 -24.42 17.68 9.62
N GLN C 18 -24.79 18.71 8.86
CA GLN C 18 -25.68 18.54 7.71
C GLN C 18 -24.82 18.31 6.48
N ASP C 19 -24.59 17.03 6.16
CA ASP C 19 -23.69 16.68 5.07
C ASP C 19 -24.21 17.16 3.73
N ASP C 20 -25.51 17.00 3.48
CA ASP C 20 -26.05 17.39 2.18
C ASP C 20 -26.15 18.91 2.05
N GLU C 21 -26.33 19.63 3.16
CA GLU C 21 -26.27 21.09 3.08
C GLU C 21 -24.86 21.59 2.86
N VAL C 22 -23.86 20.91 3.41
CA VAL C 22 -22.48 21.25 3.05
C VAL C 22 -22.26 20.99 1.57
N ARG C 23 -22.78 19.87 1.05
CA ARG C 23 -22.65 19.56 -0.36
C ARG C 23 -23.29 20.63 -1.23
N ILE C 24 -24.53 21.03 -0.89
CA ILE C 24 -25.25 22.01 -1.70
C ILE C 24 -24.59 23.38 -1.61
N LEU C 25 -24.20 23.79 -0.40
CA LEU C 25 -23.54 25.09 -0.24
C LEU C 25 -22.24 25.13 -1.02
N MET C 26 -21.49 24.03 -1.03
CA MET C 26 -20.29 23.98 -1.86
C MET C 26 -20.66 24.04 -3.33
N ALA C 27 -21.77 23.40 -3.71
CA ALA C 27 -22.22 23.42 -5.10
C ALA C 27 -22.69 24.80 -5.53
N ASN C 28 -22.95 25.70 -4.58
CA ASN C 28 -23.32 27.07 -4.90
C ASN C 28 -22.16 28.04 -4.71
N GLY C 29 -20.95 27.53 -4.54
CA GLY C 29 -19.76 28.37 -4.52
C GLY C 29 -19.37 28.93 -3.17
N ALA C 30 -19.80 28.31 -2.07
CA ALA C 30 -19.38 28.75 -0.75
C ALA C 30 -17.88 28.54 -0.58
N ASP C 31 -17.23 29.50 0.08
CA ASP C 31 -15.79 29.44 0.31
C ASP C 31 -15.48 28.37 1.35
N VAL C 32 -14.66 27.39 0.96
CA VAL C 32 -14.30 26.29 1.87
C VAL C 32 -13.63 26.83 3.11
N ASN C 33 -12.85 27.91 2.97
CA ASN C 33 -12.06 28.48 4.06
C ASN C 33 -12.66 29.79 4.58
N ALA C 34 -13.97 29.95 4.47
CA ALA C 34 -14.63 31.10 5.05
C ALA C 34 -14.51 31.05 6.57
N ALA C 35 -14.00 32.12 7.17
CA ALA C 35 -13.78 32.18 8.61
C ALA C 35 -14.56 33.34 9.21
N ASP C 36 -15.10 33.13 10.41
CA ASP C 36 -15.71 34.23 11.14
C ASP C 36 -14.61 35.09 11.77
N ASN C 37 -15.03 36.14 12.48
CA ASN C 37 -14.07 37.08 13.02
C ASN C 37 -13.10 36.44 14.01
N THR C 38 -13.46 35.31 14.61
CA THR C 38 -12.55 34.57 15.48
C THR C 38 -11.55 33.71 14.69
N GLY C 39 -11.67 33.67 13.37
CA GLY C 39 -10.83 32.80 12.57
C GLY C 39 -11.32 31.38 12.46
N THR C 40 -12.54 31.10 12.91
CA THR C 40 -13.08 29.74 12.91
C THR C 40 -13.61 29.41 11.52
N THR C 41 -13.12 28.32 10.95
CA THR C 41 -13.45 27.85 9.62
C THR C 41 -14.39 26.66 9.71
N PRO C 42 -15.02 26.27 8.60
CA PRO C 42 -15.88 25.07 8.63
C PRO C 42 -15.14 23.81 9.07
N LEU C 43 -13.86 23.70 8.71
CA LEU C 43 -13.07 22.56 9.17
C LEU C 43 -12.94 22.57 10.70
N HIS C 44 -12.77 23.76 11.29
CA HIS C 44 -12.76 23.87 12.74
C HIS C 44 -14.04 23.31 13.35
N LEU C 45 -15.20 23.76 12.86
CA LEU C 45 -16.46 23.36 13.47
C LEU C 45 -16.75 21.88 13.24
N ALA C 46 -16.38 21.35 12.07
CA ALA C 46 -16.61 19.94 11.81
C ALA C 46 -15.69 19.06 12.65
N ALA C 47 -14.44 19.49 12.83
CA ALA C 47 -13.52 18.74 13.69
C ALA C 47 -13.94 18.82 15.15
N TYR C 48 -14.46 19.98 15.57
CA TYR C 48 -14.94 20.14 16.94
C TYR C 48 -16.17 19.29 17.22
N SER C 49 -17.14 19.30 16.31
CA SER C 49 -18.38 18.57 16.51
C SER C 49 -18.26 17.07 16.26
N GLY C 50 -17.22 16.63 15.56
CA GLY C 50 -17.03 15.22 15.33
C GLY C 50 -17.65 14.66 14.07
N HIS C 51 -17.76 15.46 13.01
CA HIS C 51 -18.43 15.04 11.78
C HIS C 51 -17.35 14.62 10.78
N LEU C 52 -17.01 13.34 10.81
CA LEU C 52 -15.90 12.81 10.01
C LEU C 52 -16.12 13.06 8.53
N GLU C 53 -17.33 12.79 8.03
CA GLU C 53 -17.57 12.90 6.59
C GLU C 53 -17.47 14.34 6.12
N ILE C 54 -17.94 15.29 6.93
CA ILE C 54 -17.81 16.70 6.57
C ILE C 54 -16.36 17.14 6.62
N VAL C 55 -15.56 16.59 7.55
CA VAL C 55 -14.13 16.84 7.54
C VAL C 55 -13.51 16.36 6.23
N GLU C 56 -13.87 15.15 5.80
CA GLU C 56 -13.30 14.60 4.56
C GLU C 56 -13.72 15.42 3.34
N VAL C 57 -14.98 15.85 3.28
CA VAL C 57 -15.44 16.64 2.13
C VAL C 57 -14.73 17.98 2.10
N LEU C 58 -14.71 18.69 3.25
CA LEU C 58 -14.06 19.99 3.32
C LEU C 58 -12.60 19.89 2.91
N LEU C 59 -11.89 18.88 3.43
CA LEU C 59 -10.50 18.70 3.04
C LEU C 59 -10.37 18.36 1.57
N LYS C 60 -11.32 17.60 1.02
CA LYS C 60 -11.27 17.25 -0.40
C LYS C 60 -11.48 18.47 -1.29
N HIS C 61 -12.18 19.50 -0.80
CA HIS C 61 -12.39 20.70 -1.59
C HIS C 61 -11.35 21.78 -1.32
N GLY C 62 -10.31 21.47 -0.56
CA GLY C 62 -9.22 22.41 -0.35
C GLY C 62 -9.24 23.18 0.94
N ALA C 63 -9.87 22.67 2.00
CA ALA C 63 -9.86 23.35 3.28
C ALA C 63 -8.44 23.40 3.84
N ASP C 64 -8.08 24.57 4.37
CA ASP C 64 -6.76 24.75 4.95
C ASP C 64 -6.66 23.92 6.22
N VAL C 65 -5.86 22.85 6.16
CA VAL C 65 -5.77 21.92 7.29
C VAL C 65 -5.07 22.55 8.49
N ASP C 66 -4.32 23.63 8.29
CA ASP C 66 -3.61 24.29 9.37
C ASP C 66 -4.13 25.70 9.64
N ALA C 67 -5.42 25.93 9.37
CA ALA C 67 -6.04 27.20 9.73
C ALA C 67 -6.12 27.34 11.24
N SER C 68 -5.76 28.50 11.75
CA SER C 68 -5.74 28.76 13.19
C SER C 68 -6.71 29.88 13.54
N ASP C 69 -7.49 29.67 14.60
CA ASP C 69 -8.37 30.70 15.10
C ASP C 69 -7.57 31.71 15.93
N VAL C 70 -8.29 32.69 16.50
CA VAL C 70 -7.63 33.75 17.27
C VAL C 70 -6.90 33.21 18.49
N PHE C 71 -7.18 31.97 18.91
CA PHE C 71 -6.43 31.30 19.97
C PHE C 71 -5.23 30.52 19.46
N GLY C 72 -5.08 30.35 18.15
CA GLY C 72 -4.04 29.49 17.62
C GLY C 72 -4.46 28.05 17.45
N TYR C 73 -5.72 27.72 17.72
CA TYR C 73 -6.19 26.36 17.54
C TYR C 73 -6.32 26.02 16.07
N THR C 74 -5.73 24.90 15.68
CA THR C 74 -5.99 24.28 14.38
C THR C 74 -7.08 23.24 14.54
N PRO C 75 -7.65 22.75 13.43
CA PRO C 75 -8.62 21.65 13.56
C PRO C 75 -8.06 20.44 14.27
N LEU C 76 -6.75 20.20 14.19
CA LEU C 76 -6.16 19.08 14.91
C LEU C 76 -6.22 19.31 16.42
N HIS C 77 -6.00 20.56 16.87
CA HIS C 77 -6.20 20.90 18.27
C HIS C 77 -7.61 20.55 18.73
N LEU C 78 -8.62 20.95 17.95
CA LEU C 78 -10.00 20.71 18.35
C LEU C 78 -10.32 19.22 18.35
N ALA C 79 -9.83 18.48 17.35
CA ALA C 79 -10.10 17.06 17.29
C ALA C 79 -9.43 16.31 18.43
N ALA C 80 -8.24 16.75 18.85
CA ALA C 80 -7.57 16.12 19.98
C ALA C 80 -8.25 16.46 21.30
N TYR C 81 -8.67 17.73 21.45
CA TYR C 81 -9.29 18.16 22.69
C TYR C 81 -10.62 17.44 22.93
N TRP C 82 -11.36 17.17 21.86
CA TRP C 82 -12.69 16.59 21.98
C TRP C 82 -12.73 15.11 21.65
N GLY C 83 -11.58 14.45 21.55
CA GLY C 83 -11.52 13.00 21.52
C GLY C 83 -12.04 12.35 20.24
N HIS C 84 -11.73 12.92 19.09
CA HIS C 84 -12.19 12.41 17.80
C HIS C 84 -11.01 11.74 17.13
N LEU C 85 -10.81 10.45 17.44
CA LEU C 85 -9.65 9.72 16.96
C LEU C 85 -9.58 9.71 15.43
N GLU C 86 -10.69 9.32 14.78
CA GLU C 86 -10.66 9.18 13.33
C GLU C 86 -10.46 10.53 12.63
N ILE C 87 -11.00 11.60 13.20
CA ILE C 87 -10.77 12.92 12.60
C ILE C 87 -9.31 13.34 12.79
N VAL C 88 -8.71 12.98 13.92
CA VAL C 88 -7.27 13.20 14.09
C VAL C 88 -6.50 12.48 13.00
N GLU C 89 -6.83 11.21 12.76
CA GLU C 89 -6.14 10.44 11.72
C GLU C 89 -6.33 11.07 10.34
N VAL C 90 -7.56 11.53 10.04
CA VAL C 90 -7.82 12.10 8.72
C VAL C 90 -7.08 13.43 8.56
N LEU C 91 -7.06 14.26 9.60
CA LEU C 91 -6.36 15.54 9.50
C LEU C 91 -4.87 15.33 9.33
N LEU C 92 -4.27 14.40 10.08
CA LEU C 92 -2.84 14.12 9.91
C LEU C 92 -2.55 13.53 8.54
N LYS C 93 -3.45 12.69 8.03
CA LYS C 93 -3.25 12.12 6.69
C LYS C 93 -3.22 13.20 5.63
N ASN C 94 -3.85 14.35 5.89
CA ASN C 94 -3.87 15.47 4.94
C ASN C 94 -2.84 16.54 5.27
N GLY C 95 -1.85 16.21 6.10
CA GLY C 95 -0.71 17.07 6.28
C GLY C 95 -0.83 18.08 7.39
N ALA C 96 -1.76 17.89 8.32
CA ALA C 96 -1.89 18.81 9.45
C ALA C 96 -0.58 18.85 10.24
N ASP C 97 -0.17 20.05 10.63
CA ASP C 97 1.02 20.20 11.46
C ASP C 97 0.78 19.56 12.82
N VAL C 98 1.44 18.43 13.08
CA VAL C 98 1.24 17.70 14.32
C VAL C 98 1.80 18.43 15.53
N ASN C 99 2.61 19.46 15.31
CA ASN C 99 3.26 20.20 16.38
C ASN C 99 2.75 21.63 16.51
N ALA C 100 1.57 21.92 15.96
CA ALA C 100 1.01 23.26 16.04
C ALA C 100 0.76 23.64 17.50
N MET C 101 1.09 24.88 17.84
CA MET C 101 0.99 25.37 19.21
C MET C 101 -0.03 26.49 19.28
N ASP C 102 -0.80 26.53 20.36
CA ASP C 102 -1.86 27.49 20.57
C ASP C 102 -1.34 28.71 21.34
N SER C 103 -2.26 29.58 21.76
CA SER C 103 -1.92 30.74 22.57
C SER C 103 -1.07 30.38 23.79
N ASP C 104 -1.25 29.18 24.34
CA ASP C 104 -0.53 28.75 25.53
C ASP C 104 0.63 27.80 25.20
N GLY C 105 1.09 27.79 23.95
CA GLY C 105 2.18 26.91 23.57
C GLY C 105 1.86 25.44 23.58
N MET C 106 0.58 25.08 23.64
CA MET C 106 0.16 23.69 23.77
C MET C 106 -0.05 23.06 22.40
N THR C 107 0.47 21.86 22.22
CA THR C 107 0.30 21.09 21.00
C THR C 107 -0.90 20.17 21.12
N PRO C 108 -1.36 19.59 20.01
CA PRO C 108 -2.43 18.57 20.13
C PRO C 108 -2.09 17.44 21.06
N LEU C 109 -0.80 17.12 21.20
CA LEU C 109 -0.38 16.11 22.17
C LEU C 109 -0.69 16.54 23.60
N HIS C 110 -0.50 17.83 23.90
CA HIS C 110 -0.86 18.36 25.21
C HIS C 110 -2.35 18.19 25.46
N LEU C 111 -3.18 18.55 24.48
CA LEU C 111 -4.62 18.49 24.68
C LEU C 111 -5.12 17.06 24.78
N ALA C 112 -4.51 16.14 24.03
CA ALA C 112 -4.90 14.74 24.12
C ALA C 112 -4.46 14.14 25.45
N ALA C 113 -3.30 14.54 25.95
CA ALA C 113 -2.86 14.04 27.24
C ALA C 113 -3.70 14.61 28.38
N LYS C 114 -4.21 15.84 28.21
CA LYS C 114 -5.02 16.47 29.23
C LYS C 114 -6.24 15.61 29.58
N TRP C 115 -6.86 15.00 28.57
CA TRP C 115 -8.09 14.23 28.77
C TRP C 115 -7.86 12.72 28.78
N GLY C 116 -6.61 12.28 28.72
CA GLY C 116 -6.32 10.85 28.78
C GLY C 116 -6.70 10.06 27.56
N TYR C 117 -6.64 10.68 26.37
CA TYR C 117 -6.94 10.01 25.11
C TYR C 117 -5.70 9.23 24.66
N LEU C 118 -5.61 7.97 25.11
CA LEU C 118 -4.43 7.16 24.83
C LEU C 118 -4.27 6.89 23.34
N GLU C 119 -5.36 6.59 22.64
CA GLU C 119 -5.27 6.26 21.22
C GLU C 119 -4.83 7.46 20.40
N ILE C 120 -5.36 8.65 20.73
CA ILE C 120 -4.96 9.86 20.01
C ILE C 120 -3.52 10.22 20.31
N VAL C 121 -3.09 10.01 21.56
CA VAL C 121 -1.67 10.20 21.89
C VAL C 121 -0.81 9.28 21.03
N GLU C 122 -1.23 8.02 20.88
CA GLU C 122 -0.50 7.08 20.03
C GLU C 122 -0.43 7.58 18.59
N VAL C 123 -1.57 7.98 18.02
CA VAL C 123 -1.59 8.43 16.64
C VAL C 123 -0.69 9.65 16.44
N LEU C 124 -0.70 10.57 17.41
CA LEU C 124 0.15 11.75 17.31
C LEU C 124 1.62 11.37 17.36
N LEU C 125 1.99 10.45 18.27
CA LEU C 125 3.38 10.03 18.38
C LEU C 125 3.84 9.27 17.13
N LYS C 126 2.93 8.52 16.49
CA LYS C 126 3.29 7.86 15.23
C LYS C 126 3.68 8.86 14.17
N HIS C 127 3.04 10.04 14.16
CA HIS C 127 3.28 11.06 13.14
C HIS C 127 4.39 12.02 13.54
N GLY C 128 5.22 11.64 14.52
CA GLY C 128 6.38 12.43 14.86
C GLY C 128 6.14 13.60 15.77
N ALA C 129 5.15 13.50 16.68
CA ALA C 129 4.93 14.55 17.65
C ALA C 129 6.16 14.72 18.54
N VAL C 130 6.51 15.96 18.82
CA VAL C 130 7.71 16.28 19.58
C VAL C 130 7.32 16.55 21.03
N ASN C 131 8.26 16.34 21.93
CA ASN C 131 8.07 16.64 23.35
C ASN C 131 8.36 18.12 23.55
N ALA C 132 7.32 18.90 23.79
CA ALA C 132 7.44 20.34 23.88
C ALA C 132 6.82 20.81 25.19
N GLN C 133 7.34 21.92 25.70
CA GLN C 133 6.80 22.55 26.89
C GLN C 133 5.84 23.66 26.50
N ASP C 134 4.77 23.81 27.26
CA ASP C 134 3.80 24.87 27.02
C ASP C 134 4.29 26.14 27.71
N LYS C 135 3.47 27.19 27.69
CA LYS C 135 3.85 28.43 28.37
C LYS C 135 4.12 28.21 29.85
N PHE C 136 3.50 27.19 30.45
CA PHE C 136 3.72 26.86 31.85
C PHE C 136 4.87 25.88 32.03
N GLY C 137 5.68 25.67 30.99
CA GLY C 137 6.82 24.79 31.08
C GLY C 137 6.48 23.33 31.33
N LYS C 138 5.34 22.87 30.81
CA LYS C 138 4.88 21.51 31.06
C LYS C 138 4.80 20.74 29.75
N THR C 139 5.23 19.48 29.79
CA THR C 139 5.12 18.57 28.65
C THR C 139 3.91 17.66 28.84
N ALA C 140 3.64 16.82 27.84
CA ALA C 140 2.52 15.88 27.93
C ALA C 140 2.74 14.87 29.06
N PHE C 141 3.99 14.51 29.33
CA PHE C 141 4.26 13.59 30.43
C PHE C 141 3.96 14.24 31.78
N ASP C 142 4.36 15.49 31.96
CA ASP C 142 4.04 16.20 33.20
C ASP C 142 2.54 16.25 33.43
N ILE C 143 1.78 16.56 32.37
CA ILE C 143 0.32 16.50 32.44
C ILE C 143 -0.13 15.10 32.84
N SER C 144 0.50 14.07 32.28
CA SER C 144 0.16 12.69 32.65
C SER C 144 0.41 12.41 34.13
N ILE C 145 1.37 13.09 34.73
CA ILE C 145 1.68 12.85 36.14
C ILE C 145 0.78 13.67 37.05
N ASP C 146 0.44 14.90 36.66
CA ASP C 146 -0.50 15.70 37.44
C ASP C 146 -1.86 15.02 37.55
N ASN C 147 -2.34 14.44 36.45
CA ASN C 147 -3.47 13.56 36.51
C ASN C 147 -3.01 12.17 36.94
N GLY C 148 -3.95 11.35 37.39
CA GLY C 148 -3.57 10.02 37.84
C GLY C 148 -3.57 9.00 36.73
N ASN C 149 -3.05 9.36 35.57
CA ASN C 149 -3.12 8.51 34.37
C ASN C 149 -1.77 7.80 34.22
N GLU C 150 -1.68 6.61 34.83
CA GLU C 150 -0.42 5.87 34.80
C GLU C 150 -0.11 5.34 33.41
N ASP C 151 -1.11 4.79 32.70
CA ASP C 151 -0.86 4.23 31.38
C ASP C 151 -0.28 5.27 30.42
N LEU C 152 -0.85 6.49 30.45
CA LEU C 152 -0.39 7.55 29.56
C LEU C 152 1.03 7.98 29.92
N ALA C 153 1.34 8.03 31.21
CA ALA C 153 2.71 8.31 31.63
C ALA C 153 3.65 7.21 31.19
N GLN C 154 3.16 5.96 31.18
CA GLN C 154 3.99 4.84 30.72
C GLN C 154 4.32 4.98 29.25
N ILE C 155 3.33 5.32 28.42
CA ILE C 155 3.60 5.45 27.00
C ILE C 155 4.50 6.66 26.72
N LEU C 156 4.19 7.80 27.34
CA LEU C 156 4.97 9.00 27.05
C LEU C 156 6.41 8.86 27.56
N ALA C 157 6.59 8.18 28.68
CA ALA C 157 7.94 7.90 29.15
C ALA C 157 8.64 6.89 28.24
N PHE C 158 7.88 5.94 27.69
CA PHE C 158 8.44 5.03 26.70
C PHE C 158 9.02 5.78 25.52
N TYR C 159 8.28 6.74 24.98
CA TYR C 159 8.77 7.46 23.80
C TYR C 159 9.88 8.43 24.17
N GLU C 160 9.79 9.06 25.34
CA GLU C 160 10.84 9.97 25.77
C GLU C 160 12.16 9.23 25.96
N ILE C 161 12.13 8.10 26.67
CA ILE C 161 13.32 7.25 26.82
C ILE C 161 13.80 6.79 25.46
N LEU C 162 12.86 6.52 24.55
CA LEU C 162 13.22 6.00 23.24
C LEU C 162 14.07 7.00 22.45
N HIS C 163 13.91 8.29 22.72
CA HIS C 163 14.56 9.33 21.93
C HIS C 163 15.76 9.95 22.64
N LEU C 164 16.30 9.29 23.68
CA LEU C 164 17.47 9.86 24.33
C LEU C 164 18.73 9.44 23.59
N PRO C 165 19.61 10.38 23.25
CA PRO C 165 20.69 10.07 22.28
C PRO C 165 21.80 9.22 22.85
N ASN C 166 22.16 9.37 24.13
CA ASN C 166 23.40 8.81 24.63
C ASN C 166 23.24 7.46 25.30
N LEU C 167 22.01 6.94 25.41
CA LEU C 167 21.81 5.58 25.91
C LEU C 167 22.04 4.59 24.77
N ASN C 168 22.64 3.46 25.11
CA ASN C 168 22.80 2.37 24.15
C ASN C 168 21.58 1.46 24.19
N GLU C 169 21.52 0.53 23.23
CA GLU C 169 20.34 -0.32 23.10
C GLU C 169 20.09 -1.13 24.37
N GLU C 170 21.16 -1.51 25.08
CA GLU C 170 21.01 -2.31 26.29
C GLU C 170 20.37 -1.51 27.41
N GLN C 171 20.78 -0.25 27.58
CA GLN C 171 20.19 0.60 28.61
C GLN C 171 18.76 0.96 28.27
N ARG C 172 18.51 1.30 27.00
CA ARG C 172 17.16 1.66 26.58
C ARG C 172 16.19 0.50 26.74
N ASN C 173 16.61 -0.70 26.34
CA ASN C 173 15.72 -1.86 26.52
C ASN C 173 15.61 -2.26 27.98
N ALA C 174 16.61 -1.94 28.80
CA ALA C 174 16.48 -2.21 30.23
C ALA C 174 15.45 -1.28 30.84
N PHE C 175 15.45 -0.01 30.43
CA PHE C 175 14.43 0.92 30.91
C PHE C 175 13.05 0.57 30.38
N ILE C 176 12.95 0.11 29.14
CA ILE C 176 11.65 -0.26 28.59
C ILE C 176 11.09 -1.48 29.30
N GLN C 177 11.90 -2.52 29.48
CA GLN C 177 11.46 -3.67 30.26
C GLN C 177 11.14 -3.25 31.69
N SER C 178 11.84 -2.24 32.20
CA SER C 178 11.52 -1.68 33.50
C SER C 178 10.27 -0.81 33.46
N LEU C 179 9.76 -0.51 32.26
CA LEU C 179 8.46 0.14 32.09
C LEU C 179 7.34 -0.85 31.86
N LYS C 180 7.66 -2.10 31.54
CA LYS C 180 6.64 -3.14 31.47
C LYS C 180 6.58 -4.03 32.70
N ASP C 181 7.58 -3.95 33.58
CA ASP C 181 7.52 -4.75 34.80
C ASP C 181 6.60 -4.12 35.84
N ASP C 182 6.80 -2.83 36.13
CA ASP C 182 5.91 -2.10 37.01
C ASP C 182 5.78 -0.68 36.47
N PRO C 183 4.63 -0.32 35.89
CA PRO C 183 4.49 1.02 35.31
C PRO C 183 4.33 2.13 36.35
N SER C 184 3.98 1.80 37.60
CA SER C 184 3.88 2.82 38.64
C SER C 184 5.15 3.65 38.79
N GLN C 185 6.30 3.07 38.45
CA GLN C 185 7.60 3.70 38.67
C GLN C 185 8.08 4.49 37.46
N SER C 186 7.21 4.75 36.48
CA SER C 186 7.64 5.35 35.22
C SER C 186 8.18 6.77 35.39
N ALA C 187 7.68 7.54 36.35
CA ALA C 187 8.07 8.94 36.42
C ALA C 187 9.47 9.13 36.96
N ASN C 188 9.87 8.34 37.96
CA ASN C 188 11.24 8.47 38.44
C ASN C 188 12.18 7.67 37.55
N LEU C 189 11.68 6.59 36.95
CA LEU C 189 12.48 5.80 36.03
C LEU C 189 12.91 6.63 34.82
N LEU C 190 12.02 7.49 34.32
CA LEU C 190 12.40 8.40 33.25
C LEU C 190 13.50 9.34 33.72
N ALA C 191 13.48 9.72 34.99
CA ALA C 191 14.52 10.57 35.54
C ALA C 191 15.83 9.82 35.63
N GLU C 192 15.78 8.52 35.98
CA GLU C 192 16.97 7.68 35.92
C GLU C 192 17.52 7.64 34.49
N ALA C 193 16.62 7.59 33.50
CA ALA C 193 17.05 7.59 32.11
C ALA C 193 17.76 8.89 31.77
N LYS C 194 17.23 10.02 32.25
CA LYS C 194 17.85 11.30 31.91
C LYS C 194 19.16 11.52 32.66
N LYS C 195 19.24 11.11 33.93
CA LYS C 195 20.51 11.24 34.64
C LYS C 195 21.57 10.36 34.00
N LEU C 196 21.21 9.13 33.62
CA LEU C 196 22.17 8.28 32.92
C LEU C 196 22.53 8.89 31.56
N ASN C 197 21.57 9.55 30.91
CA ASN C 197 21.79 10.21 29.63
C ASN C 197 22.75 11.39 29.75
N ASP C 198 22.67 12.13 30.84
CA ASP C 198 23.41 13.38 30.98
C ASP C 198 24.83 13.17 31.49
N ALA C 199 25.16 11.95 31.90
CA ALA C 199 26.54 11.58 32.22
C ALA C 199 27.28 11.01 31.02
N GLN C 200 26.56 10.53 30.00
CA GLN C 200 27.17 9.85 28.86
C GLN C 200 27.27 10.72 27.62
N ALA C 201 27.05 12.03 27.74
CA ALA C 201 27.19 12.92 26.60
C ALA C 201 28.62 13.42 26.49
#